data_1CDW
#
_entry.id   1CDW
#
_cell.length_a   45.800
_cell.length_b   78.000
_cell.length_c   97.400
_cell.angle_alpha   90.00
_cell.angle_beta   90.00
_cell.angle_gamma   90.00
#
_symmetry.space_group_name_H-M   'P 2 21 21'
#
loop_
_entity.id
_entity.type
_entity.pdbx_description
1 polymer "DNA (5'-D(*CP*TP*GP*CP*TP*AP*TP*AP*AP*AP*AP*GP*GP*CP*TP*G)-3')"
2 polymer "DNA (5'-D(*CP*AP*GP*CP*CP*TP*TP*TP*TP*AP*TP*AP*GP*CP*AP*G)-3')"
3 polymer 'PROTEIN (TATA BINDING PROTEIN (TBP))'
4 water water
#
loop_
_entity_poly.entity_id
_entity_poly.type
_entity_poly.pdbx_seq_one_letter_code
_entity_poly.pdbx_strand_id
1 'polydeoxyribonucleotide' (DC)(DT)(DG)(DC)(DT)(DA)(DT)(DA)(DA)(DA)(DA)(DG)(DG)(DC)(DT)(DG) B
2 'polydeoxyribonucleotide' (DC)(DA)(DG)(DC)(DC)(DT)(DT)(DT)(DT)(DA)(DT)(DA)(DG)(DC)(DA)(DG) C
3 'polypeptide(L)'
;SGIVPQLQNIVSTVNLGCKLDLKTIALRARNAEYNPKRFAAVIMRIREPRTTALIFSSGKMVCTGAKSEENSRLAARKYA
RVVQKLGFPAKFLDFKIQNMVGSCDVKFPIRLEGLVLTHQQFSSYEPELFPGLIYRMIKPRIVLLIFVSGKVVLTGAKVR
AEIYEAFENIYPILKGFRK
;
A
#
# COMPACT_ATOMS: atom_id res chain seq x y z
N SER C 1 -7.25 -22.00 3.99
CA SER C 1 -7.13 -21.68 5.39
C SER C 1 -8.46 -21.29 5.99
N GLY C 2 -9.33 -20.75 5.14
CA GLY C 2 -10.63 -20.31 5.60
C GLY C 2 -10.47 -18.88 6.11
N ILE C 3 -9.31 -18.29 5.82
CA ILE C 3 -9.00 -16.93 6.25
C ILE C 3 -8.65 -16.08 5.04
N VAL C 4 -9.37 -14.99 4.87
CA VAL C 4 -9.11 -14.08 3.77
C VAL C 4 -8.51 -12.76 4.27
N PRO C 5 -7.28 -12.46 3.84
CA PRO C 5 -6.57 -11.23 4.22
C PRO C 5 -7.40 -10.02 3.78
N GLN C 6 -7.50 -9.03 4.64
CA GLN C 6 -8.27 -7.84 4.33
C GLN C 6 -7.30 -6.81 3.80
N LEU C 7 -7.68 -6.09 2.74
CA LEU C 7 -6.82 -5.07 2.15
C LEU C 7 -6.88 -3.83 3.03
N GLN C 8 -5.73 -3.26 3.35
CA GLN C 8 -5.66 -2.10 4.24
C GLN C 8 -5.13 -0.84 3.58
N ASN C 9 -4.39 -0.99 2.47
CA ASN C 9 -3.82 0.17 1.81
C ASN C 9 -3.42 -0.20 0.39
N ILE C 10 -3.64 0.74 -0.52
CA ILE C 10 -3.33 0.57 -1.94
C ILE C 10 -2.59 1.83 -2.38
N VAL C 11 -1.49 1.66 -3.12
CA VAL C 11 -0.72 2.78 -3.65
C VAL C 11 -0.85 2.67 -5.18
N SER C 12 -1.34 3.72 -5.82
CA SER C 12 -1.50 3.73 -7.26
C SER C 12 -0.87 4.98 -7.87
N THR C 13 -0.55 4.93 -9.16
CA THR C 13 0.01 6.09 -9.83
C THR C 13 -0.78 6.32 -11.12
N VAL C 14 -0.78 7.55 -11.59
CA VAL C 14 -1.45 7.89 -12.83
C VAL C 14 -0.73 9.12 -13.37
N ASN C 15 -0.80 9.33 -14.68
CA ASN C 15 -0.15 10.46 -15.31
C ASN C 15 -1.19 11.41 -15.87
N LEU C 16 -1.23 12.63 -15.35
CA LEU C 16 -2.19 13.66 -15.81
C LEU C 16 -1.88 14.21 -17.22
N GLY C 17 -0.74 13.84 -17.76
CA GLY C 17 -0.36 14.24 -19.10
C GLY C 17 -0.11 15.71 -19.34
N CYS C 18 0.18 16.48 -18.30
CA CYS C 18 0.46 17.90 -18.50
C CYS C 18 1.22 18.50 -17.33
N LYS C 19 2.04 19.51 -17.62
CA LYS C 19 2.80 20.18 -16.58
C LYS C 19 1.79 20.86 -15.68
N LEU C 20 2.11 20.95 -14.40
CA LEU C 20 1.20 21.53 -13.42
C LEU C 20 1.85 22.62 -12.59
N ASP C 21 1.09 23.64 -12.23
CA ASP C 21 1.60 24.71 -11.38
C ASP C 21 1.12 24.38 -9.96
N LEU C 22 2.03 23.81 -9.17
CA LEU C 22 1.75 23.41 -7.81
C LEU C 22 1.32 24.56 -6.92
N LYS C 23 1.88 25.75 -7.15
CA LYS C 23 1.48 26.91 -6.34
C LYS C 23 0.00 27.23 -6.55
N THR C 24 -0.41 27.20 -7.81
CA THR C 24 -1.79 27.48 -8.17
C THR C 24 -2.70 26.41 -7.60
N ILE C 25 -2.28 25.15 -7.69
CA ILE C 25 -3.10 24.07 -7.16
C ILE C 25 -3.29 24.23 -5.65
N ALA C 26 -2.20 24.54 -4.95
CA ALA C 26 -2.22 24.70 -3.50
C ALA C 26 -3.08 25.86 -3.05
N LEU C 27 -3.08 26.92 -3.83
CA LEU C 27 -3.84 28.11 -3.50
C LEU C 27 -5.33 27.93 -3.67
N ARG C 28 -5.70 27.33 -4.79
CA ARG C 28 -7.11 27.16 -5.16
C ARG C 28 -7.91 25.96 -4.63
N ALA C 29 -7.25 24.81 -4.52
CA ALA C 29 -7.94 23.61 -4.05
C ALA C 29 -7.98 23.47 -2.55
N ARG C 30 -9.12 23.08 -2.04
CA ARG C 30 -9.30 22.87 -0.62
C ARG C 30 -8.57 21.58 -0.25
N ASN C 31 -8.02 21.52 0.95
CA ASN C 31 -7.30 20.34 1.41
C ASN C 31 -6.12 20.02 0.51
N ALA C 32 -5.48 21.07 0.00
CA ALA C 32 -4.32 20.94 -0.85
C ALA C 32 -3.22 21.84 -0.28
N GLU C 33 -2.02 21.30 -0.14
CA GLU C 33 -0.92 22.10 0.40
C GLU C 33 0.33 21.86 -0.39
N TYR C 34 1.22 22.85 -0.36
CA TYR C 34 2.48 22.78 -1.09
C TYR C 34 3.56 23.55 -0.36
N ASN C 35 4.63 22.85 0.01
CA ASN C 35 5.76 23.45 0.69
C ASN C 35 6.95 22.78 0.04
N PRO C 36 7.40 23.33 -1.09
CA PRO C 36 8.53 22.80 -1.87
C PRO C 36 9.80 22.58 -1.04
N LYS C 37 10.01 23.39 -0.01
CA LYS C 37 11.18 23.27 0.85
C LYS C 37 11.09 22.04 1.74
N ARG C 38 9.90 21.48 1.86
CA ARG C 38 9.68 20.30 2.67
C ARG C 38 9.53 19.05 1.81
N PHE C 39 8.78 19.17 0.72
CA PHE C 39 8.54 18.06 -0.21
C PHE C 39 8.23 18.71 -1.56
N ALA C 40 8.57 18.02 -2.65
CA ALA C 40 8.36 18.58 -3.99
C ALA C 40 6.99 18.43 -4.62
N ALA C 41 6.00 17.96 -3.87
CA ALA C 41 4.67 17.76 -4.44
C ALA C 41 3.59 18.47 -3.64
N VAL C 42 2.39 18.50 -4.23
CA VAL C 42 1.21 19.06 -3.57
C VAL C 42 0.63 17.85 -2.86
N ILE C 43 0.25 18.04 -1.60
CA ILE C 43 -0.36 16.98 -0.81
C ILE C 43 -1.83 17.37 -0.78
N MET C 44 -2.68 16.53 -1.36
CA MET C 44 -4.12 16.80 -1.40
C MET C 44 -4.86 15.62 -0.78
N ARG C 45 -5.96 15.90 -0.09
CA ARG C 45 -6.72 14.85 0.54
C ARG C 45 -8.20 14.99 0.27
N ILE C 46 -8.89 13.85 0.24
CA ILE C 46 -10.33 13.83 0.06
C ILE C 46 -10.85 12.84 1.10
N ARG C 47 -12.07 13.07 1.59
CA ARG C 47 -12.62 12.20 2.62
C ARG C 47 -13.28 10.93 2.10
N GLU C 48 -13.59 10.89 0.81
CA GLU C 48 -14.26 9.72 0.28
C GLU C 48 -13.99 9.47 -1.20
N PRO C 49 -13.24 8.39 -1.53
CA PRO C 49 -12.64 7.43 -0.60
C PRO C 49 -11.55 8.15 0.20
N ARG C 50 -11.48 7.91 1.52
CA ARG C 50 -10.49 8.58 2.34
C ARG C 50 -9.08 8.23 1.86
N THR C 51 -8.42 9.19 1.23
CA THR C 51 -7.11 8.95 0.65
C THR C 51 -6.27 10.21 0.64
N THR C 52 -4.99 10.06 0.27
CA THR C 52 -4.06 11.19 0.15
C THR C 52 -3.32 11.10 -1.20
N ALA C 53 -3.25 12.22 -1.94
CA ALA C 53 -2.55 12.23 -3.21
C ALA C 53 -1.30 13.09 -3.11
N LEU C 54 -0.32 12.76 -3.93
CA LEU C 54 0.91 13.52 -4.03
C LEU C 54 0.91 13.90 -5.50
N ILE C 55 0.77 15.19 -5.79
CA ILE C 55 0.70 15.68 -7.16
C ILE C 55 1.99 16.43 -7.49
N PHE C 56 2.71 15.97 -8.51
CA PHE C 56 3.98 16.56 -8.92
C PHE C 56 3.84 17.55 -10.09
N SER C 57 4.73 18.52 -10.20
CA SER C 57 4.63 19.51 -11.27
C SER C 57 4.71 18.89 -12.66
N SER C 58 5.24 17.67 -12.70
CA SER C 58 5.38 16.93 -13.94
C SER C 58 4.03 16.46 -14.50
N GLY C 59 3.02 16.39 -13.64
CA GLY C 59 1.72 15.92 -14.08
C GLY C 59 1.48 14.51 -13.54
N LYS C 60 2.51 13.92 -12.92
CA LYS C 60 2.37 12.58 -12.36
C LYS C 60 1.78 12.65 -10.97
N MET C 61 1.00 11.65 -10.60
CA MET C 61 0.35 11.64 -9.30
C MET C 61 0.42 10.28 -8.58
N VAL C 62 0.54 10.32 -7.27
CA VAL C 62 0.57 9.09 -6.45
C VAL C 62 -0.68 9.19 -5.54
N CYS C 63 -1.47 8.11 -5.48
CA CYS C 63 -2.67 8.05 -4.66
C CYS C 63 -2.45 6.96 -3.61
N THR C 64 -2.65 7.31 -2.34
CA THR C 64 -2.42 6.36 -1.26
C THR C 64 -3.61 6.28 -0.26
N GLY C 65 -3.69 5.15 0.44
CA GLY C 65 -4.71 4.97 1.45
C GLY C 65 -6.01 4.27 1.16
N ALA C 66 -6.32 3.99 -0.10
CA ALA C 66 -7.57 3.30 -0.42
C ALA C 66 -7.58 1.85 0.10
N LYS C 67 -8.79 1.32 0.28
CA LYS C 67 -8.96 -0.02 0.79
C LYS C 67 -9.17 -1.03 -0.31
N SER C 68 -9.33 -0.56 -1.54
CA SER C 68 -9.50 -1.45 -2.69
C SER C 68 -9.01 -0.78 -3.97
N GLU C 69 -8.79 -1.59 -5.00
CA GLU C 69 -8.33 -1.15 -6.30
C GLU C 69 -9.33 -0.14 -6.89
N GLU C 70 -10.62 -0.49 -6.79
CA GLU C 70 -11.73 0.35 -7.27
C GLU C 70 -11.72 1.69 -6.53
N ASN C 71 -11.62 1.63 -5.21
CA ASN C 71 -11.60 2.82 -4.40
C ASN C 71 -10.36 3.64 -4.72
N SER C 72 -9.27 2.98 -5.07
CA SER C 72 -8.04 3.70 -5.40
C SER C 72 -8.21 4.45 -6.75
N ARG C 73 -8.77 3.75 -7.73
CA ARG C 73 -8.99 4.38 -9.03
C ARG C 73 -10.05 5.50 -8.91
N LEU C 74 -11.08 5.25 -8.10
CA LEU C 74 -12.12 6.25 -7.91
C LEU C 74 -11.50 7.51 -7.31
N ALA C 75 -10.68 7.35 -6.28
CA ALA C 75 -10.02 8.50 -5.64
C ALA C 75 -9.09 9.24 -6.65
N ALA C 76 -8.31 8.47 -7.40
CA ALA C 76 -7.42 9.04 -8.41
C ALA C 76 -8.19 9.89 -9.43
N ARG C 77 -9.37 9.41 -9.86
CA ARG C 77 -10.19 10.18 -10.82
C ARG C 77 -10.75 11.45 -10.19
N LYS C 78 -11.07 11.40 -8.90
CA LYS C 78 -11.55 12.60 -8.22
C LYS C 78 -10.43 13.65 -8.16
N TYR C 79 -9.21 13.23 -7.85
CA TYR C 79 -8.07 14.16 -7.80
C TYR C 79 -7.82 14.73 -9.20
N ALA C 80 -7.88 13.85 -10.21
CA ALA C 80 -7.67 14.27 -11.59
C ALA C 80 -8.73 15.31 -12.00
N ARG C 81 -9.98 15.10 -11.59
CA ARG C 81 -11.06 16.02 -11.90
C ARG C 81 -10.82 17.38 -11.27
N VAL C 82 -10.36 17.39 -10.02
CA VAL C 82 -10.05 18.64 -9.32
C VAL C 82 -9.02 19.44 -10.13
N VAL C 83 -7.94 18.80 -10.54
CA VAL C 83 -6.90 19.45 -11.33
C VAL C 83 -7.46 19.95 -12.68
N GLN C 84 -8.31 19.12 -13.27
CA GLN C 84 -8.96 19.43 -14.55
C GLN C 84 -9.83 20.67 -14.43
N LYS C 85 -10.71 20.70 -13.42
CA LYS C 85 -11.62 21.81 -13.18
C LYS C 85 -10.85 23.11 -12.91
N LEU C 86 -9.64 22.98 -12.36
CA LEU C 86 -8.82 24.16 -12.08
C LEU C 86 -8.40 24.83 -13.39
N GLY C 87 -8.43 24.07 -14.48
CA GLY C 87 -8.06 24.63 -15.78
C GLY C 87 -6.92 23.95 -16.51
N PHE C 88 -6.27 22.99 -15.87
CA PHE C 88 -5.15 22.30 -16.51
C PHE C 88 -5.68 21.24 -17.47
N PRO C 89 -5.01 21.05 -18.63
CA PRO C 89 -5.44 20.04 -19.64
C PRO C 89 -5.08 18.59 -19.22
N ALA C 90 -5.68 18.17 -18.10
CA ALA C 90 -5.42 16.87 -17.49
C ALA C 90 -6.07 15.69 -18.17
N LYS C 91 -5.31 14.60 -18.26
CA LYS C 91 -5.72 13.31 -18.83
C LYS C 91 -5.72 12.31 -17.66
N PHE C 92 -5.83 11.03 -17.98
CA PHE C 92 -5.81 9.97 -16.98
C PHE C 92 -5.05 8.84 -17.66
N LEU C 93 -3.73 9.00 -17.74
CA LEU C 93 -2.88 8.03 -18.43
C LEU C 93 -2.12 6.99 -17.60
N ASP C 94 -2.14 5.75 -18.07
CA ASP C 94 -1.43 4.66 -17.42
C ASP C 94 -1.68 4.48 -15.94
N PHE C 95 -2.95 4.49 -15.54
CA PHE C 95 -3.29 4.27 -14.14
C PHE C 95 -2.79 2.88 -13.78
N LYS C 96 -2.09 2.76 -12.66
CA LYS C 96 -1.56 1.48 -12.26
C LYS C 96 -1.48 1.26 -10.77
N ILE C 97 -1.93 0.10 -10.31
CA ILE C 97 -1.82 -0.27 -8.88
C ILE C 97 -0.35 -0.68 -8.65
N GLN C 98 0.31 0.04 -7.77
CA GLN C 98 1.71 -0.19 -7.48
C GLN C 98 2.04 -1.07 -6.27
N ASN C 99 1.17 -1.04 -5.26
CA ASN C 99 1.43 -1.82 -4.05
C ASN C 99 0.10 -2.00 -3.36
N MET C 100 -0.05 -3.13 -2.67
CA MET C 100 -1.28 -3.42 -1.95
C MET C 100 -0.84 -4.04 -0.62
N VAL C 101 -1.55 -3.71 0.45
CA VAL C 101 -1.23 -4.24 1.76
C VAL C 101 -2.46 -4.96 2.32
N GLY C 102 -2.26 -6.17 2.83
CA GLY C 102 -3.34 -6.94 3.41
C GLY C 102 -2.93 -7.41 4.80
N SER C 103 -3.90 -7.76 5.63
CA SER C 103 -3.63 -8.27 6.96
C SER C 103 -4.73 -9.23 7.41
N CYS C 104 -4.37 -10.13 8.32
CA CYS C 104 -5.29 -11.11 8.86
C CYS C 104 -4.74 -11.64 10.17
N ASP C 105 -5.52 -12.47 10.82
CA ASP C 105 -5.18 -13.05 12.10
C ASP C 105 -5.40 -14.56 11.99
N VAL C 106 -4.38 -15.36 12.30
CA VAL C 106 -4.53 -16.80 12.24
C VAL C 106 -5.15 -17.32 13.53
N LYS C 107 -5.36 -16.39 14.45
CA LYS C 107 -5.97 -16.67 15.73
C LYS C 107 -5.27 -17.64 16.68
N PHE C 108 -3.95 -17.70 16.61
CA PHE C 108 -3.17 -18.53 17.53
C PHE C 108 -1.78 -17.93 17.58
N PRO C 109 -1.12 -17.99 18.75
CA PRO C 109 0.24 -17.45 18.90
C PRO C 109 1.26 -18.26 18.11
N ILE C 110 2.31 -17.60 17.64
CA ILE C 110 3.30 -18.26 16.82
C ILE C 110 4.69 -18.21 17.45
N ARG C 111 5.40 -19.32 17.33
CA ARG C 111 6.75 -19.46 17.85
C ARG C 111 7.71 -18.96 16.81
N LEU C 112 7.83 -17.63 16.73
CA LEU C 112 8.71 -16.99 15.77
C LEU C 112 10.14 -17.47 15.87
N GLU C 113 10.57 -17.76 17.10
CA GLU C 113 11.95 -18.23 17.35
C GLU C 113 12.19 -19.52 16.59
N GLY C 114 11.12 -20.32 16.47
CA GLY C 114 11.21 -21.57 15.75
C GLY C 114 11.19 -21.38 14.26
N LEU C 115 10.23 -20.57 13.79
CA LEU C 115 10.08 -20.32 12.37
C LEU C 115 11.38 -19.82 11.78
N VAL C 116 12.03 -18.89 12.45
CA VAL C 116 13.27 -18.32 11.93
C VAL C 116 14.37 -19.35 11.68
N LEU C 117 14.43 -20.36 12.53
CA LEU C 117 15.45 -21.40 12.42
C LEU C 117 15.25 -22.30 11.21
N THR C 118 14.02 -22.77 11.04
CA THR C 118 13.69 -23.64 9.93
C THR C 118 13.64 -22.91 8.58
N HIS C 119 13.19 -21.66 8.60
CA HIS C 119 13.08 -20.90 7.37
C HIS C 119 14.05 -19.77 7.28
N GLN C 120 15.22 -20.01 7.84
CA GLN C 120 16.31 -19.04 7.83
C GLN C 120 16.52 -18.37 6.49
N GLN C 121 16.43 -19.13 5.40
CA GLN C 121 16.64 -18.57 4.08
C GLN C 121 15.65 -17.48 3.66
N PHE C 122 14.48 -17.42 4.31
CA PHE C 122 13.47 -16.41 3.95
C PHE C 122 13.16 -15.42 5.07
N SER C 123 13.60 -15.74 6.28
CA SER C 123 13.29 -14.92 7.44
C SER C 123 14.36 -14.04 8.04
N SER C 124 13.91 -12.91 8.59
CA SER C 124 14.76 -11.97 9.29
C SER C 124 13.98 -11.73 10.57
N TYR C 125 14.57 -12.07 11.70
CA TYR C 125 13.89 -11.89 12.97
C TYR C 125 14.83 -11.45 14.08
N GLU C 126 14.75 -10.18 14.45
CA GLU C 126 15.55 -9.66 15.54
C GLU C 126 14.55 -8.95 16.43
N PRO C 127 13.95 -9.69 17.35
CA PRO C 127 12.94 -9.15 18.27
C PRO C 127 13.36 -7.90 19.03
N GLU C 128 14.67 -7.71 19.25
CA GLU C 128 15.09 -6.51 19.96
C GLU C 128 15.20 -5.31 19.02
N LEU C 129 14.90 -5.51 17.74
CA LEU C 129 14.95 -4.39 16.81
C LEU C 129 13.50 -4.12 16.42
N PHE C 130 12.79 -5.19 16.07
CA PHE C 130 11.39 -5.12 15.65
C PHE C 130 10.75 -6.46 16.07
N PRO C 131 9.57 -6.42 16.72
CA PRO C 131 8.88 -7.64 17.17
C PRO C 131 8.33 -8.59 16.10
N GLY C 132 8.34 -8.18 14.84
CA GLY C 132 7.82 -9.03 13.79
C GLY C 132 8.90 -9.74 13.01
N LEU C 133 8.60 -10.97 12.61
CA LEU C 133 9.49 -11.81 11.82
C LEU C 133 9.16 -11.34 10.39
N ILE C 134 10.18 -10.99 9.62
CA ILE C 134 9.98 -10.55 8.25
C ILE C 134 10.26 -11.73 7.31
N TYR C 135 9.23 -12.15 6.58
CA TYR C 135 9.35 -13.28 5.67
C TYR C 135 9.31 -12.83 4.23
N ARG C 136 10.44 -13.01 3.55
CA ARG C 136 10.56 -12.63 2.15
C ARG C 136 10.27 -13.83 1.29
N MET C 137 9.01 -13.99 0.93
CA MET C 137 8.57 -15.10 0.09
C MET C 137 9.00 -14.86 -1.38
N ILE C 138 9.36 -15.94 -2.08
CA ILE C 138 9.80 -15.84 -3.48
C ILE C 138 8.65 -15.99 -4.47
N LYS C 139 7.75 -16.94 -4.24
CA LYS C 139 6.62 -17.14 -5.13
C LYS C 139 5.35 -17.26 -4.30
N PRO C 140 4.49 -16.23 -4.32
CA PRO C 140 4.70 -15.00 -5.08
C PRO C 140 5.72 -14.14 -4.34
N ARG C 141 6.17 -13.07 -4.96
CA ARG C 141 7.16 -12.20 -4.33
C ARG C 141 6.46 -11.21 -3.43
N ILE C 142 6.30 -11.62 -2.18
CA ILE C 142 5.64 -10.78 -1.21
C ILE C 142 6.32 -10.91 0.13
N VAL C 143 6.31 -9.82 0.88
CA VAL C 143 6.93 -9.77 2.19
C VAL C 143 5.82 -9.83 3.24
N LEU C 144 6.01 -10.73 4.19
CA LEU C 144 5.06 -10.90 5.26
C LEU C 144 5.73 -10.52 6.59
N LEU C 145 5.00 -9.80 7.44
CA LEU C 145 5.43 -9.40 8.78
C LEU C 145 4.56 -10.29 9.67
N ILE C 146 5.20 -11.25 10.31
CA ILE C 146 4.50 -12.22 11.13
C ILE C 146 4.76 -11.95 12.62
N PHE C 147 3.67 -11.80 13.38
CA PHE C 147 3.79 -11.49 14.79
C PHE C 147 3.44 -12.64 15.73
N VAL C 148 3.92 -12.56 16.97
CA VAL C 148 3.65 -13.59 17.96
C VAL C 148 2.16 -13.74 18.25
N SER C 149 1.44 -12.63 18.17
CA SER C 149 0.00 -12.64 18.42
C SER C 149 -0.74 -13.49 17.41
N GLY C 150 -0.11 -13.73 16.26
CA GLY C 150 -0.78 -14.51 15.23
C GLY C 150 -1.29 -13.57 14.15
N LYS C 151 -1.06 -12.28 14.32
CA LYS C 151 -1.45 -11.29 13.34
C LYS C 151 -0.41 -11.35 12.23
N VAL C 152 -0.84 -11.18 10.98
CA VAL C 152 0.05 -11.22 9.82
C VAL C 152 -0.24 -10.07 8.85
N VAL C 153 0.82 -9.42 8.38
CA VAL C 153 0.66 -8.33 7.42
C VAL C 153 1.39 -8.79 6.16
N LEU C 154 0.81 -8.53 5.00
CA LEU C 154 1.41 -8.93 3.73
C LEU C 154 1.52 -7.69 2.86
N THR C 155 2.67 -7.49 2.24
CA THR C 155 2.82 -6.32 1.40
C THR C 155 3.71 -6.56 0.17
N GLY C 156 3.60 -5.68 -0.80
CA GLY C 156 4.41 -5.79 -1.99
C GLY C 156 3.64 -6.23 -3.21
N ALA C 157 2.35 -6.55 -3.05
CA ALA C 157 1.52 -7.02 -4.15
C ALA C 157 1.05 -5.99 -5.20
N LYS C 158 0.91 -6.46 -6.43
CA LYS C 158 0.45 -5.64 -7.55
C LYS C 158 -1.02 -6.00 -7.80
N VAL C 159 -1.38 -7.25 -7.51
CA VAL C 159 -2.77 -7.70 -7.67
C VAL C 159 -3.09 -8.45 -6.39
N ARG C 160 -4.37 -8.48 -6.00
CA ARG C 160 -4.80 -9.16 -4.77
C ARG C 160 -4.51 -10.67 -4.70
N ALA C 161 -4.53 -11.36 -5.83
CA ALA C 161 -4.25 -12.80 -5.87
C ALA C 161 -2.91 -13.12 -5.22
N GLU C 162 -1.93 -12.25 -5.41
CA GLU C 162 -0.61 -12.44 -4.82
C GLU C 162 -0.66 -12.40 -3.28
N ILE C 163 -1.54 -11.58 -2.72
CA ILE C 163 -1.69 -11.48 -1.27
C ILE C 163 -2.28 -12.80 -0.79
N TYR C 164 -3.28 -13.27 -1.54
CA TYR C 164 -3.95 -14.52 -1.19
C TYR C 164 -3.04 -15.75 -1.33
N GLU C 165 -2.26 -15.78 -2.40
CA GLU C 165 -1.33 -16.89 -2.65
C GLU C 165 -0.30 -16.93 -1.55
N ALA C 166 0.25 -15.76 -1.22
CA ALA C 166 1.27 -15.66 -0.17
C ALA C 166 0.71 -16.09 1.17
N PHE C 167 -0.49 -15.64 1.50
CA PHE C 167 -1.07 -16.06 2.78
C PHE C 167 -1.34 -17.57 2.81
N GLU C 168 -1.89 -18.12 1.72
CA GLU C 168 -2.15 -19.54 1.67
C GLU C 168 -0.85 -20.36 1.77
N ASN C 169 0.25 -19.82 1.25
CA ASN C 169 1.54 -20.49 1.32
C ASN C 169 2.08 -20.52 2.75
N ILE C 170 1.94 -19.40 3.45
CA ILE C 170 2.43 -19.28 4.82
C ILE C 170 1.61 -20.00 5.89
N TYR C 171 0.30 -20.08 5.68
CA TYR C 171 -0.60 -20.68 6.65
C TYR C 171 -0.17 -22.05 7.16
N PRO C 172 0.06 -23.04 6.27
CA PRO C 172 0.48 -24.35 6.76
C PRO C 172 1.81 -24.27 7.55
N ILE C 173 2.66 -23.31 7.20
CA ILE C 173 3.95 -23.10 7.86
C ILE C 173 3.77 -22.52 9.28
N LEU C 174 2.84 -21.58 9.43
CA LEU C 174 2.60 -20.98 10.73
C LEU C 174 1.96 -21.97 11.68
N LYS C 175 1.13 -22.85 11.14
CA LYS C 175 0.47 -23.86 11.96
C LYS C 175 1.55 -24.77 12.55
N GLY C 176 2.57 -25.06 11.76
CA GLY C 176 3.64 -25.91 12.23
C GLY C 176 4.43 -25.30 13.37
N PHE C 177 4.14 -24.03 13.70
CA PHE C 177 4.83 -23.33 14.78
C PHE C 177 3.90 -22.67 15.77
N ARG C 178 2.72 -23.26 15.97
CA ARG C 178 1.75 -22.70 16.91
C ARG C 178 2.38 -22.72 18.30
N LYS C 179 2.17 -21.66 19.07
CA LYS C 179 2.72 -21.55 20.42
C LYS C 179 1.66 -21.64 21.51
#